data_4WDX
#
_entry.id   4WDX
#
_cell.length_a   60.041
_cell.length_b   77.227
_cell.length_c   72.208
_cell.angle_alpha   90.00
_cell.angle_beta   97.62
_cell.angle_gamma   90.00
#
_symmetry.space_group_name_H-M   'P 1 21 1'
#
loop_
_entity.id
_entity.type
_entity.pdbx_description
1 polymer 'Aldo-keto reductase family 1 member C3'
2 non-polymer 'NADP NICOTINAMIDE-ADENINE-DINUCLEOTIDE PHOSPHATE'
3 non-polymer [4-(2-hydroxyethyl)piperidin-1-yl](5-methyl-1H-indol-2-yl)methanone
4 water water
#
_entity_poly.entity_id   1
_entity_poly.type   'polypeptide(L)'
_entity_poly.pdbx_seq_one_letter_code
;MDSKQQCVKLNDGHFMPVLGFGTYAPPEVPRSKALEVTKLAIEAGFRHIDSAHLYNNEEQVGLAIRSKIADGSVKREDIF
YTSKLWSTFHRPELVRPALENSLKKAQLDYVDLYLIHSPMSLKPGEELSPTDENGKVIFDIVDLCTTWEAMEKCKDAGLA
KSIGVSNFNRRQLEMILNKPGLKYKPVCNQVECHPYFNRSKLLDFCKSKDIVLVAYSALGSQRDKRWVDPNSPVLLEDPV
LCALAKKHKRTPALIALRYQLQRGVVVLAKSYNEQRIRQNVQVFEFQLTAEDMKAIDGLDRNLHYFNSDSFASHPNYPYS
DEYLEHHHHHH
;
_entity_poly.pdbx_strand_id   A,B
#
# COMPACT_ATOMS: atom_id res chain seq x y z
N GLN A 6 10.65 -6.67 10.54
CA GLN A 6 11.78 -6.92 11.53
C GLN A 6 11.68 -5.89 12.66
N CYS A 7 11.55 -6.36 13.87
CA CYS A 7 11.29 -5.48 15.00
C CYS A 7 12.36 -5.72 16.08
N VAL A 8 12.45 -4.80 17.02
CA VAL A 8 13.25 -4.97 18.22
C VAL A 8 12.27 -4.93 19.37
N LYS A 9 12.46 -5.85 20.34
CA LYS A 9 11.65 -5.89 21.58
C LYS A 9 12.12 -4.79 22.54
N LEU A 10 11.16 -3.92 22.93
CA LEU A 10 11.45 -2.81 23.87
C LEU A 10 11.40 -3.27 25.30
N ASN A 11 11.93 -2.45 26.21
CA ASN A 11 11.97 -2.87 27.67
C ASN A 11 10.57 -2.97 28.34
N ASP A 12 9.51 -2.53 27.68
CA ASP A 12 8.13 -2.71 28.17
C ASP A 12 7.36 -3.82 27.47
N GLY A 13 8.05 -4.61 26.67
CA GLY A 13 7.50 -5.76 25.93
C GLY A 13 6.85 -5.48 24.57
N HIS A 14 6.75 -4.19 24.20
CA HIS A 14 6.19 -3.81 22.90
C HIS A 14 7.29 -3.93 21.86
N PHE A 15 6.88 -3.88 20.59
CA PHE A 15 7.82 -4.14 19.49
C PHE A 15 7.93 -2.92 18.57
N MET A 16 9.17 -2.52 18.26
CA MET A 16 9.42 -1.34 17.37
C MET A 16 10.08 -1.83 16.09
N PRO A 17 9.46 -1.54 14.89
CA PRO A 17 10.15 -1.93 13.65
C PRO A 17 11.50 -1.19 13.54
N VAL A 18 12.55 -1.86 13.06
CA VAL A 18 13.87 -1.30 13.16
C VAL A 18 14.17 -0.22 12.11
N LEU A 19 13.38 -0.14 11.06
CA LEU A 19 13.51 0.87 10.00
C LEU A 19 12.20 1.81 10.17
N GLY A 20 12.42 3.12 10.36
CA GLY A 20 11.28 4.04 10.48
C GLY A 20 11.36 5.06 9.37
N PHE A 21 10.19 5.57 9.04
CA PHE A 21 10.02 6.57 8.00
C PHE A 21 10.01 7.95 8.65
N GLY A 22 10.96 8.81 8.25
CA GLY A 22 11.08 10.21 8.84
C GLY A 22 10.15 11.12 7.99
N THR A 23 9.30 11.86 8.69
CA THR A 23 8.25 12.68 8.02
C THR A 23 8.45 14.19 7.99
N TYR A 24 9.53 14.71 8.56
CA TYR A 24 9.73 16.16 8.57
C TYR A 24 10.02 16.65 7.19
N ALA A 25 9.26 17.69 6.79
CA ALA A 25 9.65 18.46 5.60
C ALA A 25 9.55 19.96 5.92
N PRO A 26 10.45 20.74 5.32
CA PRO A 26 10.42 22.21 5.65
C PRO A 26 9.08 22.85 5.22
N PRO A 27 8.74 24.00 5.84
CA PRO A 27 7.39 24.50 5.64
C PRO A 27 7.05 24.96 4.24
N GLU A 28 8.06 25.23 3.38
CA GLU A 28 7.76 25.50 1.93
C GLU A 28 7.15 24.31 1.20
N VAL A 29 7.25 23.07 1.72
CA VAL A 29 6.73 21.87 1.06
C VAL A 29 5.21 21.82 1.42
N PRO A 30 4.35 21.79 0.38
CA PRO A 30 2.89 21.78 0.62
C PRO A 30 2.53 20.61 1.56
N ARG A 31 1.53 20.81 2.42
CA ARG A 31 1.18 19.79 3.47
C ARG A 31 0.59 18.50 2.83
N SER A 32 0.04 18.65 1.62
CA SER A 32 -0.44 17.44 0.88
C SER A 32 0.67 16.42 0.55
N LYS A 33 1.95 16.85 0.47
CA LYS A 33 3.02 15.87 0.09
C LYS A 33 3.16 14.85 1.27
N ALA A 34 3.04 15.32 2.51
CA ALA A 34 3.16 14.42 3.69
C ALA A 34 2.17 13.26 3.59
N LEU A 35 0.93 13.55 3.18
CA LEU A 35 -0.06 12.50 2.97
C LEU A 35 0.39 11.55 1.87
N GLU A 36 0.82 12.09 0.74
CA GLU A 36 1.18 11.24 -0.40
C GLU A 36 2.39 10.33 -0.13
N VAL A 37 3.45 10.92 0.42
CA VAL A 37 4.67 10.16 0.69
C VAL A 37 4.50 9.13 1.82
N THR A 38 3.65 9.39 2.79
CA THR A 38 3.45 8.41 3.89
C THR A 38 2.66 7.22 3.34
N LYS A 39 1.70 7.50 2.42
CA LYS A 39 1.09 6.39 1.66
C LYS A 39 2.10 5.55 0.90
N LEU A 40 2.96 6.20 0.13
CA LEU A 40 4.01 5.45 -0.61
C LEU A 40 4.95 4.65 0.36
N ALA A 41 5.29 5.25 1.53
CA ALA A 41 6.20 4.57 2.48
C ALA A 41 5.54 3.28 3.01
N ILE A 42 4.25 3.39 3.33
CA ILE A 42 3.51 2.19 3.80
C ILE A 42 3.50 1.15 2.64
N GLU A 43 3.16 1.63 1.45
CA GLU A 43 3.11 0.71 0.26
C GLU A 43 4.42 0.03 0.10
N ALA A 44 5.51 0.75 0.30
CA ALA A 44 6.84 0.19 0.11
C ALA A 44 7.29 -0.80 1.19
N GLY A 45 6.63 -0.77 2.35
CA GLY A 45 6.90 -1.77 3.44
C GLY A 45 7.31 -1.11 4.78
N PHE A 46 7.43 0.23 4.83
CA PHE A 46 7.66 0.90 6.13
C PHE A 46 6.43 0.69 7.03
N ARG A 47 6.70 0.42 8.31
CA ARG A 47 5.61 0.26 9.29
C ARG A 47 5.81 1.15 10.53
N HIS A 48 6.98 1.74 10.70
CA HIS A 48 7.29 2.68 11.77
C HIS A 48 7.34 4.05 11.12
N ILE A 49 6.51 5.00 11.64
CA ILE A 49 6.34 6.33 11.00
C ILE A 49 6.62 7.34 12.12
N ASP A 50 7.57 8.24 11.91
CA ASP A 50 7.99 9.21 12.97
C ASP A 50 7.49 10.64 12.63
N SER A 51 6.66 11.19 13.56
CA SER A 51 6.11 12.51 13.42
C SER A 51 6.34 13.23 14.76
N ALA A 52 5.79 14.42 14.88
CA ALA A 52 5.92 15.31 16.06
C ALA A 52 4.89 16.47 15.90
N HIS A 53 4.45 16.97 17.05
CA HIS A 53 3.66 18.19 17.03
C HIS A 53 4.34 19.32 16.24
N LEU A 54 5.68 19.45 16.40
CA LEU A 54 6.43 20.51 15.75
C LEU A 54 6.36 20.45 14.25
N TYR A 55 6.14 19.24 13.72
CA TYR A 55 6.27 19.12 12.29
C TYR A 55 5.08 19.66 11.52
N ASN A 56 3.98 19.98 12.21
CA ASN A 56 2.78 20.47 11.47
C ASN A 56 2.34 19.51 10.35
N ASN A 57 2.36 18.19 10.64
CA ASN A 57 1.91 17.27 9.62
C ASN A 57 1.12 16.09 10.20
N GLU A 58 0.78 16.15 11.47
CA GLU A 58 0.05 15.02 12.07
C GLU A 58 -1.30 14.75 11.39
N GLU A 59 -2.03 15.79 10.96
CA GLU A 59 -3.28 15.57 10.23
C GLU A 59 -3.08 14.67 8.97
N GLN A 60 -2.06 14.97 8.16
CA GLN A 60 -1.89 14.36 6.87
C GLN A 60 -1.22 12.94 7.07
N VAL A 61 -0.34 12.86 8.07
CA VAL A 61 0.36 11.54 8.31
C VAL A 61 -0.69 10.61 8.88
N GLY A 62 -1.55 11.11 9.78
CA GLY A 62 -2.70 10.34 10.29
C GLY A 62 -3.62 9.87 9.17
N LEU A 63 -3.89 10.75 8.22
CA LEU A 63 -4.84 10.50 7.13
C LEU A 63 -4.25 9.39 6.27
N ALA A 64 -2.94 9.46 6.03
CA ALA A 64 -2.25 8.37 5.28
C ALA A 64 -2.38 6.98 5.96
N ILE A 65 -2.09 6.91 7.26
CA ILE A 65 -2.18 5.66 8.03
C ILE A 65 -3.62 5.19 7.99
N ARG A 66 -4.57 6.12 8.18
CA ARG A 66 -5.96 5.70 8.24
C ARG A 66 -6.45 5.18 6.90
N SER A 67 -6.00 5.82 5.84
CA SER A 67 -6.31 5.47 4.46
C SER A 67 -5.87 4.00 4.15
N LYS A 68 -4.63 3.71 4.54
CA LYS A 68 -4.13 2.36 4.38
C LYS A 68 -4.71 1.31 5.30
N ILE A 69 -5.26 1.71 6.50
CA ILE A 69 -6.05 0.72 7.26
C ILE A 69 -7.46 0.52 6.61
N ALA A 70 -8.11 1.62 6.19
CA ALA A 70 -9.44 1.55 5.64
C ALA A 70 -9.46 0.66 4.36
N ASP A 71 -8.41 0.69 3.55
CA ASP A 71 -8.38 -0.12 2.30
C ASP A 71 -7.81 -1.54 2.53
N GLY A 72 -7.40 -1.88 3.77
CA GLY A 72 -7.05 -3.29 4.10
C GLY A 72 -5.57 -3.54 3.76
N SER A 73 -4.81 -2.51 3.35
CA SER A 73 -3.35 -2.66 3.14
C SER A 73 -2.59 -3.05 4.42
N VAL A 74 -2.98 -2.46 5.55
CA VAL A 74 -2.36 -2.76 6.85
C VAL A 74 -3.40 -2.69 7.96
N LYS A 75 -3.11 -3.35 9.08
CA LYS A 75 -4.00 -3.20 10.25
C LYS A 75 -3.38 -2.17 11.19
N ARG A 76 -4.18 -1.55 12.06
CA ARG A 76 -3.57 -0.58 13.02
C ARG A 76 -2.45 -1.21 13.81
N GLU A 77 -2.66 -2.45 14.20
CA GLU A 77 -1.65 -3.13 15.07
C GLU A 77 -0.31 -3.36 14.33
N ASP A 78 -0.33 -3.23 12.99
CA ASP A 78 0.87 -3.45 12.18
C ASP A 78 1.72 -2.13 12.08
N ILE A 79 1.15 -0.99 12.42
CA ILE A 79 1.79 0.34 12.23
C ILE A 79 2.33 0.75 13.63
N PHE A 80 3.51 1.33 13.64
CA PHE A 80 4.09 1.84 14.84
C PHE A 80 4.18 3.35 14.58
N TYR A 81 3.29 4.12 15.20
CA TYR A 81 3.29 5.60 15.01
C TYR A 81 3.87 6.30 16.22
N THR A 82 4.87 7.16 15.98
CA THR A 82 5.48 7.94 17.02
C THR A 82 5.10 9.46 16.90
N SER A 83 4.66 10.08 18.02
CA SER A 83 4.69 11.53 18.08
C SER A 83 5.55 12.04 19.27
N LYS A 84 5.69 13.38 19.38
CA LYS A 84 6.61 13.89 20.38
C LYS A 84 5.95 15.13 21.01
N LEU A 85 6.21 15.21 22.30
CA LEU A 85 5.85 16.31 23.19
C LEU A 85 6.76 17.52 22.98
N TRP A 86 6.19 18.60 22.50
CA TRP A 86 6.97 19.77 22.20
C TRP A 86 7.38 20.55 23.51
N SER A 87 8.38 21.40 23.39
CA SER A 87 9.10 22.00 24.60
C SER A 87 8.25 23.10 25.24
N THR A 88 7.32 23.66 24.47
CA THR A 88 6.37 24.60 25.11
C THR A 88 5.38 23.88 26.02
N PHE A 89 5.35 22.51 26.03
CA PHE A 89 4.39 21.70 26.90
C PHE A 89 5.02 20.82 28.00
N HIS A 90 6.21 21.17 28.44
CA HIS A 90 6.86 20.38 29.50
C HIS A 90 6.13 20.37 30.87
N ARG A 91 5.46 21.49 31.20
CA ARG A 91 4.75 21.54 32.48
C ARG A 91 3.86 20.34 32.63
N PRO A 92 3.95 19.67 33.80
CA PRO A 92 3.27 18.38 33.85
C PRO A 92 1.81 18.39 33.39
N GLU A 93 1.05 19.46 33.67
CA GLU A 93 -0.40 19.47 33.28
C GLU A 93 -0.65 19.68 31.77
N LEU A 94 0.38 20.02 31.01
CA LEU A 94 0.19 20.31 29.59
C LEU A 94 0.46 19.01 28.72
N VAL A 95 0.90 17.93 29.38
CA VAL A 95 1.41 16.72 28.66
C VAL A 95 0.31 15.85 28.09
N ARG A 96 -0.53 15.27 28.96
CA ARG A 96 -1.75 14.55 28.53
C ARG A 96 -2.65 15.31 27.53
N PRO A 97 -2.88 16.63 27.72
CA PRO A 97 -3.55 17.48 26.70
C PRO A 97 -2.82 17.67 25.33
N ALA A 98 -1.51 17.88 25.36
CA ALA A 98 -0.70 17.90 24.15
C ALA A 98 -0.79 16.54 23.35
N LEU A 99 -0.85 15.42 24.06
CA LEU A 99 -0.93 14.08 23.44
C LEU A 99 -2.35 13.89 22.84
N GLU A 100 -3.34 14.43 23.55
CA GLU A 100 -4.73 14.28 23.11
C GLU A 100 -4.92 15.11 21.91
N ASN A 101 -4.24 16.27 21.84
CA ASN A 101 -4.26 17.13 20.70
C ASN A 101 -3.65 16.40 19.51
N SER A 102 -2.51 15.72 19.74
CA SER A 102 -1.88 15.01 18.58
C SER A 102 -2.79 13.89 18.04
N LEU A 103 -3.46 13.16 18.97
CA LEU A 103 -4.40 12.10 18.67
C LEU A 103 -5.64 12.60 17.92
N LYS A 104 -6.14 13.76 18.32
CA LYS A 104 -7.25 14.43 17.63
C LYS A 104 -6.87 14.81 16.24
N LYS A 105 -5.67 15.35 16.07
CA LYS A 105 -5.20 15.79 14.81
C LYS A 105 -5.00 14.63 13.78
N ALA A 106 -4.38 13.54 14.28
CA ALA A 106 -4.11 12.36 13.47
C ALA A 106 -5.35 11.44 13.37
N GLN A 107 -6.41 11.78 14.13
CA GLN A 107 -7.58 10.88 14.40
C GLN A 107 -7.18 9.42 14.66
N LEU A 108 -6.16 9.21 15.49
CA LEU A 108 -5.80 7.87 15.99
C LEU A 108 -6.27 7.69 17.40
N ASP A 109 -6.40 6.45 17.88
CA ASP A 109 -6.86 6.14 19.27
C ASP A 109 -5.69 6.16 20.30
N TYR A 110 -4.49 5.95 19.77
CA TYR A 110 -3.30 5.90 20.56
C TYR A 110 -2.13 6.17 19.67
N VAL A 111 -1.00 6.56 20.30
CA VAL A 111 0.31 6.49 19.58
C VAL A 111 1.09 5.25 20.07
N ASP A 112 1.91 4.64 19.21
CA ASP A 112 2.68 3.50 19.75
C ASP A 112 3.79 4.03 20.65
N LEU A 113 4.21 5.25 20.33
CA LEU A 113 5.34 5.87 21.03
C LEU A 113 5.14 7.33 21.21
N TYR A 114 5.35 7.81 22.46
CA TYR A 114 5.31 9.26 22.71
C TYR A 114 6.64 9.68 23.38
N LEU A 115 7.34 10.62 22.77
CA LEU A 115 8.69 11.05 23.19
C LEU A 115 8.66 12.47 23.80
N ILE A 116 9.51 12.70 24.82
CA ILE A 116 9.86 14.11 25.14
C ILE A 116 10.79 14.55 24.03
N HIS A 117 10.38 15.57 23.23
CA HIS A 117 11.10 15.96 22.04
C HIS A 117 12.54 16.47 22.37
N SER A 118 12.68 17.23 23.48
CA SER A 118 13.99 17.75 23.79
C SER A 118 13.96 18.02 25.32
N PRO A 119 15.13 17.97 25.97
CA PRO A 119 15.18 18.28 27.39
C PRO A 119 14.99 19.78 27.70
N MET A 120 15.05 20.64 26.70
CA MET A 120 14.78 22.08 26.89
C MET A 120 13.29 22.34 27.18
N SER A 121 12.95 23.24 28.13
CA SER A 121 11.57 23.70 28.33
C SER A 121 11.44 25.14 27.84
N LEU A 122 10.26 25.48 27.33
CA LEU A 122 10.04 26.80 26.71
C LEU A 122 8.74 27.35 27.28
N LYS A 123 8.66 28.68 27.37
CA LYS A 123 7.45 29.36 27.83
C LYS A 123 6.20 28.79 27.12
N PRO A 124 5.21 28.28 27.92
CA PRO A 124 3.92 27.76 27.43
C PRO A 124 3.16 28.81 26.62
N GLY A 125 2.41 28.38 25.60
CA GLY A 125 1.66 29.29 24.73
C GLY A 125 0.73 28.61 23.72
N LEU A 128 5.42 28.48 18.92
CA LEU A 128 6.21 27.24 18.99
C LEU A 128 7.61 27.52 19.56
N SER A 129 8.22 28.62 19.13
CA SER A 129 9.33 29.18 19.88
C SER A 129 9.12 30.66 20.22
N PRO A 130 8.53 30.90 21.41
CA PRO A 130 8.29 32.26 21.92
C PRO A 130 9.64 33.01 22.07
N THR A 131 9.68 34.32 21.79
CA THR A 131 10.97 35.07 21.78
C THR A 131 10.82 36.48 22.31
N ILE A 138 12.62 32.65 24.63
CA ILE A 138 12.27 32.59 26.04
C ILE A 138 12.29 31.13 26.54
N PHE A 139 13.01 30.89 27.63
CA PHE A 139 13.07 29.56 28.27
C PHE A 139 12.16 29.45 29.44
N ASP A 140 12.25 28.31 30.11
CA ASP A 140 11.44 28.02 31.29
C ASP A 140 11.92 26.78 32.08
N ILE A 141 12.58 26.98 33.22
CA ILE A 141 12.96 25.88 34.12
C ILE A 141 11.72 25.01 34.47
N VAL A 142 11.71 23.74 34.04
CA VAL A 142 10.70 22.72 34.47
C VAL A 142 11.56 21.51 34.62
N ASP A 143 11.25 20.74 35.66
CA ASP A 143 12.00 19.58 36.01
C ASP A 143 11.62 18.44 35.05
N LEU A 144 12.54 18.05 34.16
CA LEU A 144 12.29 16.92 33.22
C LEU A 144 11.77 15.67 33.97
N CYS A 145 12.03 15.54 35.28
CA CYS A 145 11.54 14.37 36.05
C CYS A 145 10.05 14.44 36.33
N THR A 146 9.51 15.65 36.46
CA THR A 146 8.04 15.74 36.55
C THR A 146 7.43 15.62 35.13
N THR A 147 7.97 16.33 34.14
CA THR A 147 7.58 16.05 32.76
C THR A 147 7.46 14.51 32.49
N TRP A 148 8.45 13.71 32.88
CA TRP A 148 8.34 12.22 32.92
C TRP A 148 7.18 11.47 33.67
N GLU A 149 6.91 11.79 34.95
CA GLU A 149 5.70 11.19 35.58
C GLU A 149 4.41 11.54 34.81
N ALA A 150 4.37 12.70 34.19
CA ALA A 150 3.20 13.06 33.37
C ALA A 150 3.08 12.18 32.04
N MET A 151 4.21 11.88 31.42
CA MET A 151 4.30 10.83 30.33
C MET A 151 3.88 9.42 30.80
N GLU A 152 4.34 9.04 31.98
CA GLU A 152 4.07 7.77 32.52
C GLU A 152 2.56 7.51 32.65
N LYS A 153 1.79 8.55 32.92
CA LYS A 153 0.37 8.37 33.15
C LYS A 153 -0.34 8.06 31.83
N CYS A 154 0.16 8.73 30.79
CA CYS A 154 -0.25 8.53 29.38
C CYS A 154 -0.11 7.10 28.98
N LYS A 155 1.01 6.46 29.32
CA LYS A 155 1.14 5.02 29.16
C LYS A 155 0.16 4.19 30.00
N ASP A 156 -0.04 4.61 31.27
CA ASP A 156 -1.03 3.92 32.11
C ASP A 156 -2.41 4.03 31.50
N ALA A 157 -2.68 5.18 30.92
CA ALA A 157 -3.97 5.45 30.28
C ALA A 157 -4.13 4.81 28.89
N GLY A 158 -3.15 4.03 28.42
CA GLY A 158 -3.23 3.40 27.08
C GLY A 158 -3.22 4.34 25.84
N LEU A 159 -2.98 5.64 26.02
CA LEU A 159 -2.91 6.62 24.91
C LEU A 159 -1.55 6.62 24.23
N ALA A 160 -0.50 6.19 24.94
CA ALA A 160 0.79 5.84 24.40
C ALA A 160 1.14 4.41 24.79
N LYS A 161 1.35 3.50 23.84
CA LYS A 161 1.76 2.19 24.21
C LYS A 161 3.13 2.20 24.94
N SER A 162 4.07 3.01 24.46
CA SER A 162 5.38 3.12 24.98
C SER A 162 5.75 4.58 25.13
N ILE A 163 6.69 4.90 26.03
CA ILE A 163 7.19 6.26 26.16
C ILE A 163 8.69 6.28 26.14
N GLY A 164 9.24 7.38 25.60
CA GLY A 164 10.68 7.49 25.53
C GLY A 164 11.08 8.96 25.47
N VAL A 165 12.34 9.16 25.23
CA VAL A 165 12.90 10.52 25.12
C VAL A 165 13.67 10.78 23.81
N SER A 166 14.05 12.04 23.56
CA SER A 166 14.75 12.37 22.40
C SER A 166 15.70 13.48 22.81
N ASN A 167 16.88 13.45 22.18
CA ASN A 167 17.93 14.47 22.39
C ASN A 167 18.45 14.52 23.82
N PHE A 168 18.41 13.37 24.50
CA PHE A 168 19.02 13.27 25.85
C PHE A 168 20.45 12.75 25.73
N ASN A 169 21.36 13.31 26.56
CA ASN A 169 22.66 12.63 26.80
C ASN A 169 22.56 11.67 27.99
N ARG A 170 23.67 10.99 28.32
CA ARG A 170 23.69 10.02 29.39
C ARG A 170 23.26 10.59 30.74
N ARG A 171 23.82 11.77 31.12
CA ARG A 171 23.38 12.46 32.38
C ARG A 171 21.85 12.60 32.45
N GLN A 172 21.25 13.15 31.37
CA GLN A 172 19.81 13.43 31.33
C GLN A 172 18.96 12.14 31.35
N LEU A 173 19.45 11.06 30.75
CA LEU A 173 18.86 9.73 30.93
C LEU A 173 19.03 9.26 32.37
N GLU A 174 20.21 9.46 32.94
CA GLU A 174 20.42 9.05 34.33
C GLU A 174 19.42 9.80 35.28
N MET A 175 19.09 11.04 34.94
CA MET A 175 18.07 11.81 35.68
C MET A 175 16.72 11.13 35.78
N ILE A 176 16.29 10.48 34.68
CA ILE A 176 15.07 9.67 34.74
C ILE A 176 15.27 8.28 35.31
N LEU A 177 16.35 7.59 34.95
CA LEU A 177 16.57 6.26 35.46
C LEU A 177 16.76 6.25 36.98
N ASN A 178 17.41 7.27 37.54
CA ASN A 178 17.62 7.32 38.99
C ASN A 178 16.44 7.96 39.73
N LYS A 179 15.41 8.41 39.00
CA LYS A 179 14.30 9.14 39.62
C LYS A 179 13.66 8.30 40.72
N PRO A 180 13.53 8.86 41.96
CA PRO A 180 12.85 8.06 43.00
C PRO A 180 11.41 7.72 42.59
N GLY A 181 11.01 6.47 42.72
CA GLY A 181 9.65 6.13 42.38
C GLY A 181 9.31 6.01 40.88
N LEU A 182 10.34 5.82 40.04
CA LEU A 182 10.18 5.60 38.59
C LEU A 182 9.32 4.36 38.34
N LYS A 183 8.31 4.49 37.49
CA LYS A 183 7.49 3.35 37.09
C LYS A 183 7.89 2.73 35.71
N TYR A 184 8.24 3.60 34.74
CA TYR A 184 8.59 3.15 33.35
C TYR A 184 9.85 3.77 32.92
N LYS A 185 10.84 2.92 32.59
CA LYS A 185 11.98 3.42 31.90
C LYS A 185 11.56 3.98 30.48
N PRO A 186 12.36 4.93 29.96
CA PRO A 186 12.21 5.23 28.53
C PRO A 186 12.54 3.99 27.74
N VAL A 187 11.76 3.73 26.68
CA VAL A 187 12.08 2.58 25.85
C VAL A 187 13.23 2.88 24.87
N CYS A 188 13.45 4.17 24.58
CA CYS A 188 14.40 4.64 23.57
C CYS A 188 14.84 6.07 23.88
N ASN A 189 15.86 6.45 23.21
CA ASN A 189 16.36 7.81 23.17
C ASN A 189 16.69 8.02 21.70
N GLN A 190 15.95 8.93 21.07
CA GLN A 190 16.13 9.24 19.69
C GLN A 190 17.04 10.46 19.62
N VAL A 191 18.16 10.26 18.93
CA VAL A 191 19.30 11.22 18.87
C VAL A 191 19.93 11.28 17.52
N GLU A 192 20.67 12.35 17.21
CA GLU A 192 21.26 12.45 15.90
C GLU A 192 22.33 11.34 15.89
N CYS A 193 22.42 10.61 14.80
CA CYS A 193 23.28 9.40 14.83
C CYS A 193 23.57 8.96 13.43
N HIS A 194 24.84 8.99 13.05
CA HIS A 194 25.26 8.72 11.67
C HIS A 194 26.78 8.59 11.72
N PRO A 195 27.37 8.14 10.64
CA PRO A 195 28.81 7.75 10.83
C PRO A 195 29.76 8.92 11.19
N TYR A 196 29.31 10.16 10.98
CA TYR A 196 30.20 11.26 11.36
C TYR A 196 29.98 11.63 12.79
N PHE A 197 28.98 10.99 13.46
CA PHE A 197 28.63 11.32 14.84
C PHE A 197 27.87 10.09 15.38
N ASN A 198 28.65 9.05 15.70
CA ASN A 198 28.07 7.69 15.77
C ASN A 198 27.61 7.35 17.11
N ARG A 199 27.84 8.23 18.08
CA ARG A 199 27.34 8.11 19.44
C ARG A 199 27.71 6.80 20.15
N SER A 200 28.94 6.33 19.98
CA SER A 200 29.25 4.94 20.34
C SER A 200 29.21 4.79 21.87
N LYS A 201 29.64 5.81 22.61
CA LYS A 201 29.50 5.79 24.08
C LYS A 201 28.09 5.80 24.62
N LEU A 202 27.26 6.70 24.04
CA LEU A 202 25.89 6.81 24.44
C LEU A 202 25.17 5.49 24.08
N LEU A 203 25.53 4.89 22.96
CA LEU A 203 24.88 3.64 22.49
C LEU A 203 25.22 2.51 23.49
N ASP A 204 26.49 2.40 23.89
CA ASP A 204 26.89 1.43 24.91
C ASP A 204 26.16 1.63 26.21
N PHE A 205 26.00 2.89 26.63
CA PHE A 205 25.25 3.19 27.81
C PHE A 205 23.81 2.69 27.65
N CYS A 206 23.20 3.10 26.54
CA CYS A 206 21.77 2.73 26.32
C CYS A 206 21.58 1.19 26.29
N LYS A 207 22.42 0.48 25.56
CA LYS A 207 22.43 -1.02 25.58
C LYS A 207 22.50 -1.60 26.97
N SER A 208 23.33 -1.00 27.86
CA SER A 208 23.49 -1.49 29.22
C SER A 208 22.23 -1.29 30.03
N LYS A 209 21.39 -0.27 29.68
CA LYS A 209 20.09 0.01 30.30
C LYS A 209 18.82 -0.57 29.58
N ASP A 210 19.02 -1.42 28.55
CA ASP A 210 17.94 -1.95 27.66
C ASP A 210 17.11 -0.78 27.09
N ILE A 211 17.85 0.27 26.68
CA ILE A 211 17.21 1.45 26.03
C ILE A 211 17.68 1.41 24.62
N VAL A 212 16.73 1.49 23.68
CA VAL A 212 17.08 1.47 22.29
C VAL A 212 17.50 2.85 21.83
N LEU A 213 18.64 2.94 21.16
CA LEU A 213 18.96 4.21 20.51
C LEU A 213 18.30 4.21 19.11
N VAL A 214 17.57 5.30 18.84
CA VAL A 214 16.98 5.50 17.51
C VAL A 214 17.70 6.70 16.78
N ALA A 215 18.20 6.48 15.62
CA ALA A 215 19.04 7.47 14.96
C ALA A 215 18.14 8.33 14.07
N TYR A 216 18.27 9.66 14.23
CA TYR A 216 17.71 10.60 13.25
C TYR A 216 18.85 11.34 12.59
N SER A 217 18.58 11.95 11.44
CA SER A 217 19.56 12.40 10.47
C SER A 217 20.59 11.37 10.17
N ALA A 218 20.14 10.10 10.03
CA ALA A 218 21.04 9.01 9.75
C ALA A 218 21.64 9.03 8.38
N LEU A 219 21.06 9.83 7.49
CA LEU A 219 21.51 10.00 6.15
C LEU A 219 22.26 11.32 5.99
N GLY A 220 22.57 11.98 7.07
CA GLY A 220 23.35 13.23 6.98
C GLY A 220 22.49 14.51 7.03
N SER A 221 21.18 14.35 7.27
CA SER A 221 20.22 15.51 7.41
C SER A 221 19.80 16.03 6.04
N GLN A 222 18.72 16.79 6.10
CA GLN A 222 18.19 17.46 4.95
C GLN A 222 19.08 18.72 4.60
N ARG A 223 20.09 18.99 5.42
CA ARG A 223 21.07 20.13 5.12
C ARG A 223 20.26 21.45 4.91
N ASP A 224 19.27 21.63 5.76
CA ASP A 224 18.42 22.82 5.66
C ASP A 224 19.28 24.04 6.04
N LYS A 225 19.20 25.05 5.17
CA LYS A 225 19.84 26.37 5.28
C LYS A 225 19.75 26.91 6.68
N ARG A 226 18.62 26.65 7.35
CA ARG A 226 18.46 27.15 8.71
C ARG A 226 19.48 26.67 9.71
N TRP A 227 20.05 25.49 9.50
CA TRP A 227 20.81 24.84 10.58
C TRP A 227 22.11 24.22 10.09
N VAL A 228 22.31 24.22 8.78
CA VAL A 228 23.40 23.46 8.19
C VAL A 228 24.24 24.38 7.33
N ASP A 229 25.45 24.57 7.78
CA ASP A 229 26.48 25.29 7.07
C ASP A 229 26.72 24.65 5.70
N PRO A 230 26.46 25.39 4.61
CA PRO A 230 26.58 24.86 3.26
C PRO A 230 27.96 24.29 2.91
N ASN A 231 28.98 24.72 3.67
CA ASN A 231 30.37 24.22 3.56
C ASN A 231 30.57 22.83 4.16
N SER A 232 29.77 22.45 5.17
CA SER A 232 29.99 21.22 5.97
C SER A 232 29.99 19.94 5.11
N PRO A 233 30.77 18.90 5.50
CA PRO A 233 30.92 17.68 4.71
C PRO A 233 29.55 17.02 4.40
N VAL A 234 29.36 16.59 3.17
CA VAL A 234 28.17 15.89 2.76
C VAL A 234 28.35 14.40 3.07
N LEU A 235 27.58 13.90 4.05
CA LEU A 235 27.76 12.50 4.54
C LEU A 235 27.75 11.54 3.41
N LEU A 236 26.77 11.68 2.50
CA LEU A 236 26.58 10.64 1.51
C LEU A 236 27.59 10.73 0.36
N GLU A 237 28.47 11.73 0.43
CA GLU A 237 29.62 11.78 -0.50
C GLU A 237 30.89 11.27 0.16
N ASP A 238 30.80 10.74 1.40
CA ASP A 238 32.01 10.28 2.06
C ASP A 238 32.59 9.14 1.25
N PRO A 239 33.88 9.19 0.94
CA PRO A 239 34.51 8.10 0.10
C PRO A 239 34.43 6.66 0.68
N VAL A 240 34.41 6.53 2.01
CA VAL A 240 34.18 5.21 2.64
C VAL A 240 32.81 4.67 2.29
N LEU A 241 31.74 5.48 2.50
CA LEU A 241 30.39 4.99 2.20
C LEU A 241 30.24 4.82 0.72
N CYS A 242 30.93 5.63 -0.08
CA CYS A 242 30.85 5.40 -1.52
C CYS A 242 31.59 4.12 -1.96
N ALA A 243 32.73 3.83 -1.32
CA ALA A 243 33.50 2.63 -1.68
C ALA A 243 32.72 1.36 -1.30
N LEU A 244 32.10 1.39 -0.12
CA LEU A 244 31.21 0.30 0.29
C LEU A 244 29.96 0.18 -0.61
N ALA A 245 29.44 1.33 -1.11
CA ALA A 245 28.27 1.29 -2.01
C ALA A 245 28.64 0.50 -3.26
N LYS A 246 29.76 0.85 -3.86
CA LYS A 246 30.20 0.13 -5.06
C LYS A 246 30.50 -1.35 -4.76
N LYS A 247 31.21 -1.64 -3.66
CA LYS A 247 31.53 -3.03 -3.21
C LYS A 247 30.27 -3.93 -3.13
N HIS A 248 29.21 -3.42 -2.48
CA HIS A 248 27.95 -4.16 -2.39
C HIS A 248 26.94 -3.98 -3.50
N LYS A 249 27.20 -3.10 -4.46
CA LYS A 249 26.17 -2.74 -5.48
C LYS A 249 24.89 -2.20 -4.76
N ARG A 250 25.10 -1.35 -3.77
CA ARG A 250 23.95 -0.59 -3.25
C ARG A 250 24.23 0.91 -3.41
N THR A 251 23.77 1.73 -2.46
CA THR A 251 24.01 3.20 -2.50
C THR A 251 24.56 3.64 -1.15
N PRO A 252 25.24 4.81 -1.11
CA PRO A 252 25.76 5.21 0.18
C PRO A 252 24.68 5.35 1.26
N ALA A 253 23.50 5.80 0.86
CA ALA A 253 22.39 5.94 1.87
C ALA A 253 22.04 4.53 2.45
N LEU A 254 21.95 3.51 1.62
CA LEU A 254 21.75 2.07 2.11
C LEU A 254 22.88 1.58 3.01
N ILE A 255 24.13 1.89 2.68
CA ILE A 255 25.24 1.57 3.61
C ILE A 255 25.07 2.30 4.97
N ALA A 256 24.68 3.59 4.96
CA ALA A 256 24.55 4.34 6.21
C ALA A 256 23.44 3.68 7.05
N LEU A 257 22.34 3.31 6.40
CA LEU A 257 21.21 2.69 7.15
C LEU A 257 21.60 1.29 7.70
N ARG A 258 22.19 0.44 6.81
CA ARG A 258 22.68 -0.89 7.21
C ARG A 258 23.63 -0.84 8.40
N TYR A 259 24.53 0.15 8.42
CA TYR A 259 25.45 0.33 9.55
C TYR A 259 24.72 0.40 10.87
N GLN A 260 23.69 1.23 10.94
CA GLN A 260 22.94 1.31 12.18
C GLN A 260 22.29 -0.01 12.55
N LEU A 261 21.65 -0.64 11.59
CA LEU A 261 20.90 -1.89 11.90
C LEU A 261 21.87 -2.93 12.55
N GLN A 262 23.07 -3.06 11.94
CA GLN A 262 24.07 -4.02 12.49
C GLN A 262 24.70 -3.67 13.84
N ARG A 263 24.71 -2.40 14.25
CA ARG A 263 25.17 -2.06 15.56
C ARG A 263 24.06 -1.98 16.59
N GLY A 264 22.83 -2.45 16.28
CA GLY A 264 21.70 -2.53 17.23
C GLY A 264 20.93 -1.21 17.43
N VAL A 265 21.03 -0.32 16.45
CA VAL A 265 20.36 1.02 16.45
C VAL A 265 19.11 0.88 15.59
N VAL A 266 18.02 1.47 16.02
CA VAL A 266 16.85 1.56 15.13
C VAL A 266 17.04 2.84 14.30
N VAL A 267 16.74 2.79 13.00
CA VAL A 267 17.13 3.92 12.15
C VAL A 267 15.95 4.54 11.50
N LEU A 268 15.93 5.89 11.46
CA LEU A 268 14.95 6.62 10.64
C LEU A 268 15.50 6.98 9.24
N ALA A 269 14.66 7.14 8.27
CA ALA A 269 15.10 7.60 6.94
C ALA A 269 13.95 8.44 6.38
N LYS A 270 14.24 9.76 6.22
CA LYS A 270 13.25 10.63 5.59
C LYS A 270 13.50 10.60 4.10
N SER A 271 12.44 10.47 3.34
CA SER A 271 12.52 10.77 1.92
C SER A 271 11.16 11.14 1.44
N TYR A 272 11.11 12.13 0.57
CA TYR A 272 9.85 12.52 -0.03
C TYR A 272 9.84 12.18 -1.51
N ASN A 273 10.74 11.27 -1.89
CA ASN A 273 10.93 10.91 -3.31
C ASN A 273 10.52 9.44 -3.47
N GLU A 274 9.60 9.15 -4.38
CA GLU A 274 9.14 7.76 -4.56
C GLU A 274 10.19 6.68 -4.80
N GLN A 275 11.18 6.93 -5.67
CA GLN A 275 12.20 5.87 -5.89
C GLN A 275 13.09 5.64 -4.64
N ARG A 276 13.51 6.73 -3.99
CA ARG A 276 14.34 6.66 -2.80
C ARG A 276 13.57 6.01 -1.61
N ILE A 277 12.29 6.34 -1.48
CA ILE A 277 11.42 5.62 -0.46
C ILE A 277 11.40 4.12 -0.70
N ARG A 278 11.26 3.70 -1.96
CA ARG A 278 11.29 2.25 -2.25
C ARG A 278 12.71 1.71 -2.13
N GLN A 279 13.73 2.50 -2.44
CA GLN A 279 15.10 2.03 -2.28
C GLN A 279 15.44 1.70 -0.81
N ASN A 280 14.95 2.56 0.09
CA ASN A 280 15.41 2.45 1.51
C ASN A 280 15.02 1.14 2.14
N VAL A 281 13.91 0.56 1.68
CA VAL A 281 13.50 -0.74 2.24
C VAL A 281 14.47 -1.90 1.85
N GLN A 282 15.36 -1.67 0.84
CA GLN A 282 16.40 -2.66 0.50
C GLN A 282 17.46 -2.85 1.58
N VAL A 283 17.41 -2.06 2.67
CA VAL A 283 18.41 -2.17 3.66
C VAL A 283 18.40 -3.62 4.22
N PHE A 284 17.28 -4.33 4.09
CA PHE A 284 17.15 -5.69 4.66
C PHE A 284 17.68 -6.74 3.68
N GLU A 285 18.15 -6.32 2.51
CA GLU A 285 18.56 -7.33 1.47
C GLU A 285 20.05 -7.67 1.45
N PHE A 286 20.88 -7.03 2.28
CA PHE A 286 22.35 -7.27 2.22
C PHE A 286 22.95 -7.07 3.60
N GLN A 287 24.20 -7.45 3.83
CA GLN A 287 24.81 -7.23 5.12
C GLN A 287 26.19 -6.69 4.84
N LEU A 288 26.73 -6.00 5.83
CA LEU A 288 28.10 -5.44 5.86
C LEU A 288 28.96 -6.41 6.62
N THR A 289 30.22 -6.59 6.18
CA THR A 289 31.15 -7.49 6.94
C THR A 289 31.73 -6.79 8.17
N ALA A 290 32.38 -7.54 9.05
CA ALA A 290 32.91 -6.93 10.23
C ALA A 290 33.97 -5.88 9.88
N GLU A 291 34.74 -6.12 8.81
CA GLU A 291 35.72 -5.12 8.33
C GLU A 291 35.01 -3.84 7.79
N ASP A 292 33.89 -4.05 7.09
CA ASP A 292 33.08 -2.92 6.59
C ASP A 292 32.62 -2.04 7.76
N MET A 293 32.18 -2.69 8.84
CA MET A 293 31.63 -1.98 9.97
C MET A 293 32.76 -1.17 10.60
N LYS A 294 33.96 -1.76 10.60
CA LYS A 294 35.10 -1.09 11.25
C LYS A 294 35.50 0.17 10.48
N ALA A 295 35.40 0.09 9.15
CA ALA A 295 35.69 1.22 8.28
C ALA A 295 34.70 2.34 8.56
N ILE A 296 33.42 2.00 8.66
CA ILE A 296 32.40 3.08 8.97
C ILE A 296 32.57 3.65 10.34
N ASP A 297 32.96 2.80 11.30
CA ASP A 297 33.26 3.24 12.64
C ASP A 297 34.33 4.31 12.67
N GLY A 298 35.31 4.16 11.74
CA GLY A 298 36.44 5.07 11.62
C GLY A 298 36.05 6.47 11.17
N LEU A 299 34.80 6.66 10.72
CA LEU A 299 34.32 7.97 10.25
C LEU A 299 33.98 9.00 11.32
N ASP A 300 33.83 8.55 12.55
CA ASP A 300 33.37 9.34 13.69
C ASP A 300 34.24 10.62 13.74
N ARG A 301 33.60 11.80 13.79
CA ARG A 301 34.32 13.10 13.86
C ARG A 301 33.60 14.14 14.69
N ASN A 302 32.59 13.74 15.44
CA ASN A 302 31.85 14.67 16.28
C ASN A 302 31.19 15.83 15.47
N LEU A 303 30.78 15.54 14.23
CA LEU A 303 30.00 16.51 13.44
C LEU A 303 28.47 16.45 13.72
N HIS A 304 27.91 17.55 14.26
CA HIS A 304 26.46 17.74 14.46
C HIS A 304 25.90 18.54 13.28
N TYR A 305 24.94 17.94 12.55
CA TYR A 305 24.19 18.62 11.52
C TYR A 305 23.09 19.48 12.09
N PHE A 306 22.57 19.11 13.26
CA PHE A 306 21.61 19.96 13.97
C PHE A 306 22.18 20.33 15.31
N ASN A 307 21.98 21.56 15.70
CA ASN A 307 22.39 22.04 17.00
C ASN A 307 21.22 22.70 17.66
N SER A 308 20.71 22.11 18.73
CA SER A 308 19.52 22.67 19.33
C SER A 308 19.78 24.11 19.80
N ASP A 309 21.02 24.41 20.21
CA ASP A 309 21.49 25.81 20.48
C ASP A 309 21.24 26.83 19.36
N SER A 310 21.03 26.36 18.13
CA SER A 310 20.61 27.25 17.03
C SER A 310 19.09 27.44 17.00
N PHE A 311 18.36 26.40 17.39
CA PHE A 311 16.91 26.35 17.26
C PHE A 311 16.30 26.07 18.65
N GLN B 6 -18.50 -26.24 -18.77
CA GLN B 6 -17.67 -25.00 -19.10
C GLN B 6 -17.82 -23.83 -18.09
N CYS B 7 -18.12 -24.20 -16.87
CA CYS B 7 -18.31 -23.25 -15.76
C CYS B 7 -17.62 -23.76 -14.50
N VAL B 8 -17.40 -22.87 -13.54
CA VAL B 8 -16.92 -23.25 -12.25
C VAL B 8 -18.01 -22.93 -11.26
N LYS B 9 -18.11 -23.79 -10.26
CA LYS B 9 -19.08 -23.54 -9.17
C LYS B 9 -18.51 -22.58 -8.16
N LEU B 10 -19.20 -21.47 -7.92
CA LEU B 10 -18.70 -20.43 -6.96
C LEU B 10 -19.06 -20.87 -5.58
N ASN B 11 -18.48 -20.16 -4.61
CA ASN B 11 -18.63 -20.51 -3.15
C ASN B 11 -20.05 -20.18 -2.56
N ASP B 12 -20.89 -19.51 -3.33
CA ASP B 12 -22.31 -19.28 -2.99
C ASP B 12 -23.25 -20.23 -3.76
N GLY B 13 -22.66 -21.23 -4.45
CA GLY B 13 -23.41 -22.20 -5.34
C GLY B 13 -23.87 -21.78 -6.72
N HIS B 14 -23.70 -20.50 -7.10
CA HIS B 14 -23.96 -20.09 -8.48
C HIS B 14 -22.78 -20.56 -9.39
N PHE B 15 -23.04 -20.61 -10.67
CA PHE B 15 -22.05 -21.03 -11.64
C PHE B 15 -21.59 -19.95 -12.56
N MET B 16 -20.27 -19.89 -12.73
CA MET B 16 -19.61 -18.83 -13.59
C MET B 16 -18.94 -19.50 -14.82
N PRO B 17 -19.26 -19.00 -16.06
CA PRO B 17 -18.56 -19.52 -17.23
C PRO B 17 -17.04 -19.22 -17.14
N VAL B 18 -16.22 -20.19 -17.53
CA VAL B 18 -14.80 -20.02 -17.32
C VAL B 18 -14.10 -19.13 -18.37
N LEU B 19 -14.78 -18.82 -19.48
CA LEU B 19 -14.27 -17.86 -20.49
C LEU B 19 -15.21 -16.66 -20.48
N GLY B 20 -14.68 -15.40 -20.32
CA GLY B 20 -15.60 -14.27 -20.32
C GLY B 20 -15.13 -13.30 -21.37
N PHE B 21 -16.05 -12.47 -21.84
CA PHE B 21 -15.76 -11.41 -22.86
C PHE B 21 -15.45 -10.07 -22.15
N GLY B 22 -14.26 -9.51 -22.40
CA GLY B 22 -13.89 -8.18 -21.88
C GLY B 22 -14.56 -7.10 -22.74
N THR B 23 -15.32 -6.23 -22.09
CA THR B 23 -16.05 -5.23 -22.92
C THR B 23 -15.34 -3.88 -23.02
N TYR B 24 -14.33 -3.68 -22.18
CA TYR B 24 -13.67 -2.35 -22.17
C TYR B 24 -13.01 -1.97 -23.46
N ALA B 25 -13.33 -0.75 -23.94
CA ALA B 25 -12.42 -0.14 -24.96
C ALA B 25 -12.15 1.29 -24.52
N PRO B 26 -10.98 1.81 -24.95
CA PRO B 26 -10.58 3.16 -24.55
C PRO B 26 -11.58 4.19 -25.06
N PRO B 27 -11.55 5.39 -24.44
CA PRO B 27 -12.55 6.38 -24.78
C PRO B 27 -12.51 6.79 -26.26
N GLU B 28 -11.39 6.55 -26.96
CA GLU B 28 -11.24 6.81 -28.40
C GLU B 28 -12.08 5.96 -29.29
N VAL B 29 -12.55 4.84 -28.76
CA VAL B 29 -13.44 3.97 -29.50
C VAL B 29 -14.90 4.36 -29.17
N PRO B 30 -15.73 4.66 -30.21
CA PRO B 30 -17.17 5.05 -30.03
C PRO B 30 -17.90 3.98 -29.20
N ARG B 31 -18.62 4.37 -28.18
CA ARG B 31 -19.23 3.43 -27.22
C ARG B 31 -20.27 2.57 -27.92
N SER B 32 -20.65 2.99 -29.13
CA SER B 32 -21.59 2.21 -29.94
C SER B 32 -21.00 0.88 -30.53
N LYS B 33 -19.69 0.83 -30.77
CA LYS B 33 -18.99 -0.38 -31.23
C LYS B 33 -19.27 -1.44 -30.13
N ALA B 34 -19.40 -1.06 -28.86
CA ALA B 34 -19.68 -2.10 -27.75
C ALA B 34 -20.97 -2.88 -28.00
N LEU B 35 -21.99 -2.22 -28.53
CA LEU B 35 -23.20 -2.99 -28.97
C LEU B 35 -22.91 -4.09 -29.99
N GLU B 36 -22.31 -3.73 -31.15
CA GLU B 36 -22.04 -4.70 -32.23
C GLU B 36 -21.16 -5.84 -31.72
N VAL B 37 -20.06 -5.49 -31.05
CA VAL B 37 -19.12 -6.57 -30.65
C VAL B 37 -19.70 -7.49 -29.54
N THR B 38 -20.47 -6.95 -28.61
CA THR B 38 -21.12 -7.82 -27.57
C THR B 38 -22.10 -8.79 -28.22
N LYS B 39 -22.87 -8.32 -29.23
CA LYS B 39 -23.66 -9.28 -30.03
C LYS B 39 -22.84 -10.38 -30.74
N LEU B 40 -21.71 -10.01 -31.35
CA LEU B 40 -20.81 -10.96 -32.04
C LEU B 40 -20.28 -11.94 -31.03
N ALA B 41 -19.90 -11.44 -29.82
CA ALA B 41 -19.39 -12.36 -28.76
C ALA B 41 -20.42 -13.37 -28.37
N ILE B 42 -21.65 -12.92 -28.16
CA ILE B 42 -22.73 -13.92 -27.74
C ILE B 42 -22.95 -14.94 -28.89
N GLU B 43 -23.04 -14.40 -30.09
CA GLU B 43 -23.19 -15.30 -31.30
C GLU B 43 -21.99 -16.26 -31.43
N ALA B 44 -20.77 -15.83 -31.10
CA ALA B 44 -19.67 -16.76 -31.14
C ALA B 44 -19.70 -17.82 -30.08
N GLY B 45 -20.45 -17.60 -28.99
CA GLY B 45 -20.54 -18.61 -27.89
C GLY B 45 -20.15 -18.07 -26.48
N PHE B 46 -19.76 -16.81 -26.38
CA PHE B 46 -19.43 -16.24 -25.02
C PHE B 46 -20.75 -16.10 -24.27
N ARG B 47 -20.69 -16.46 -22.98
CA ARG B 47 -21.85 -16.33 -22.13
C ARG B 47 -21.58 -15.50 -20.86
N HIS B 48 -20.32 -15.21 -20.59
CA HIS B 48 -19.90 -14.44 -19.44
C HIS B 48 -19.40 -13.15 -20.05
N ILE B 49 -20.01 -12.02 -19.61
CA ILE B 49 -19.73 -10.73 -20.23
C ILE B 49 -19.30 -9.78 -19.11
N ASP B 50 -18.12 -9.17 -19.25
CA ASP B 50 -17.55 -8.32 -18.17
C ASP B 50 -17.67 -6.83 -18.50
N SER B 51 -18.44 -6.12 -17.68
CA SER B 51 -18.47 -4.64 -17.82
C SER B 51 -18.23 -3.91 -16.43
N ALA B 52 -18.52 -2.60 -16.38
CA ALA B 52 -18.31 -1.81 -15.15
C ALA B 52 -18.88 -0.41 -15.40
N HIS B 53 -19.25 0.26 -14.32
CA HIS B 53 -19.68 1.69 -14.44
C HIS B 53 -18.60 2.51 -15.09
N LEU B 54 -17.34 2.23 -14.78
CA LEU B 54 -16.22 3.03 -15.33
C LEU B 54 -16.16 2.98 -16.86
N TYR B 55 -16.56 1.85 -17.45
CA TYR B 55 -16.38 1.69 -18.87
C TYR B 55 -17.33 2.55 -19.74
N ASN B 56 -18.40 3.09 -19.14
CA ASN B 56 -19.35 3.96 -19.87
C ASN B 56 -19.95 3.23 -21.10
N ASN B 57 -20.17 1.94 -20.95
CA ASN B 57 -20.72 1.13 -22.03
C ASN B 57 -21.90 0.26 -21.58
N GLU B 58 -22.38 0.39 -20.35
CA GLU B 58 -23.41 -0.53 -19.88
C GLU B 58 -24.75 -0.47 -20.65
N GLU B 59 -25.14 0.71 -21.09
CA GLU B 59 -26.31 0.79 -21.98
C GLU B 59 -26.11 -0.05 -23.26
N GLN B 60 -24.96 0.06 -23.90
CA GLN B 60 -24.74 -0.67 -25.17
C GLN B 60 -24.57 -2.20 -24.96
N VAL B 61 -23.87 -2.60 -23.87
CA VAL B 61 -23.70 -4.00 -23.57
C VAL B 61 -25.05 -4.57 -23.17
N GLY B 62 -25.84 -3.81 -22.40
CA GLY B 62 -27.12 -4.31 -21.91
C GLY B 62 -28.05 -4.44 -23.13
N LEU B 63 -28.03 -3.47 -24.03
CA LEU B 63 -28.77 -3.61 -25.27
C LEU B 63 -28.36 -4.88 -26.09
N ALA B 64 -27.05 -5.18 -26.17
CA ALA B 64 -26.61 -6.30 -26.96
C ALA B 64 -27.23 -7.59 -26.37
N ILE B 65 -27.18 -7.69 -25.03
CA ILE B 65 -27.73 -8.85 -24.28
C ILE B 65 -29.28 -8.92 -24.49
N ARG B 66 -29.96 -7.80 -24.35
CA ARG B 66 -31.41 -7.82 -24.54
C ARG B 66 -31.75 -8.23 -25.95
N SER B 67 -30.99 -7.72 -26.90
CA SER B 67 -31.16 -8.10 -28.29
C SER B 67 -31.04 -9.60 -28.62
N LYS B 68 -30.08 -10.28 -27.98
CA LYS B 68 -29.93 -11.72 -28.16
C LYS B 68 -30.95 -12.55 -27.39
N ILE B 69 -31.54 -11.93 -26.34
CA ILE B 69 -32.64 -12.55 -25.61
C ILE B 69 -33.89 -12.45 -26.54
N ALA B 70 -34.12 -11.26 -27.06
CA ALA B 70 -35.29 -11.01 -27.90
C ALA B 70 -35.32 -11.87 -29.14
N ASP B 71 -34.23 -11.88 -29.91
CA ASP B 71 -34.14 -12.70 -31.11
C ASP B 71 -34.08 -14.22 -30.84
N GLY B 72 -34.26 -14.65 -29.58
CA GLY B 72 -34.28 -16.06 -29.21
C GLY B 72 -32.95 -16.83 -29.13
N SER B 73 -31.80 -16.17 -29.33
CA SER B 73 -30.50 -16.91 -29.26
C SER B 73 -30.17 -17.43 -27.90
N VAL B 74 -30.50 -16.66 -26.86
CA VAL B 74 -30.14 -17.08 -25.53
C VAL B 74 -31.25 -16.73 -24.59
N LYS B 75 -31.25 -17.33 -23.41
CA LYS B 75 -32.16 -16.87 -22.33
C LYS B 75 -31.39 -15.99 -21.36
N ARG B 76 -32.06 -15.13 -20.59
CA ARG B 76 -31.32 -14.30 -19.62
C ARG B 76 -30.48 -15.19 -18.72
N GLU B 77 -31.04 -16.35 -18.32
CA GLU B 77 -30.34 -17.15 -17.34
C GLU B 77 -29.12 -17.84 -17.91
N ASP B 78 -28.93 -17.79 -19.25
CA ASP B 78 -27.72 -18.42 -19.85
C ASP B 78 -26.59 -17.40 -19.91
N ILE B 79 -26.89 -16.14 -19.60
CA ILE B 79 -25.86 -15.09 -19.62
C ILE B 79 -25.38 -14.79 -18.20
N PHE B 80 -24.04 -14.64 -18.02
CA PHE B 80 -23.51 -14.32 -16.69
C PHE B 80 -22.93 -12.87 -16.97
N TYR B 81 -23.57 -11.84 -16.41
CA TYR B 81 -23.18 -10.45 -16.67
C TYR B 81 -22.56 -9.86 -15.36
N THR B 82 -21.38 -9.20 -15.53
CA THR B 82 -20.69 -8.69 -14.37
C THR B 82 -20.67 -7.14 -14.48
N SER B 83 -20.97 -6.47 -13.38
CA SER B 83 -20.65 -5.04 -13.30
C SER B 83 -19.89 -4.78 -12.01
N LYS B 84 -19.38 -3.54 -11.89
CA LYS B 84 -18.45 -3.21 -10.84
C LYS B 84 -18.82 -1.85 -10.28
N LEU B 85 -18.73 -1.79 -8.96
CA LEU B 85 -18.92 -0.56 -8.15
C LEU B 85 -17.67 0.36 -8.33
N TRP B 86 -17.84 1.58 -8.88
CA TRP B 86 -16.71 2.44 -9.03
C TRP B 86 -16.31 3.11 -7.67
N SER B 87 -15.05 3.56 -7.64
CA SER B 87 -14.40 4.04 -6.38
C SER B 87 -14.99 5.34 -5.80
N THR B 88 -15.73 6.13 -6.61
CA THR B 88 -16.54 7.20 -6.02
C THR B 88 -17.81 6.78 -5.28
N PHE B 89 -18.09 5.47 -5.27
CA PHE B 89 -19.32 4.95 -4.69
C PHE B 89 -19.13 3.97 -3.52
N HIS B 90 -17.94 4.01 -2.87
CA HIS B 90 -17.62 3.12 -1.72
C HIS B 90 -18.42 3.40 -0.44
N ARG B 91 -18.83 4.65 -0.24
CA ARG B 91 -19.61 4.95 0.96
C ARG B 91 -20.86 4.09 0.95
N PRO B 92 -21.20 3.43 2.08
CA PRO B 92 -22.14 2.33 2.05
C PRO B 92 -23.50 2.76 1.52
N GLU B 93 -23.95 3.96 1.84
CA GLU B 93 -25.23 4.41 1.34
C GLU B 93 -25.27 4.62 -0.18
N LEU B 94 -24.10 4.75 -0.82
CA LEU B 94 -24.07 4.95 -2.27
C LEU B 94 -24.04 3.60 -3.06
N VAL B 95 -23.80 2.49 -2.36
CA VAL B 95 -23.56 1.17 -3.07
C VAL B 95 -24.84 0.64 -3.76
N ARG B 96 -25.98 0.55 -3.05
CA ARG B 96 -27.21 0.07 -3.72
C ARG B 96 -27.71 1.01 -4.84
N PRO B 97 -27.74 2.35 -4.62
CA PRO B 97 -28.05 3.21 -5.76
C PRO B 97 -27.12 3.07 -6.98
N ALA B 98 -25.83 2.79 -6.75
CA ALA B 98 -24.93 2.63 -7.88
C ALA B 98 -25.32 1.37 -8.63
N LEU B 99 -25.63 0.29 -7.90
CA LEU B 99 -25.98 -0.93 -8.59
C LEU B 99 -27.28 -0.71 -9.41
N GLU B 100 -28.22 -0.06 -8.76
CA GLU B 100 -29.53 0.19 -9.37
C GLU B 100 -29.41 1.09 -10.62
N ASN B 101 -28.50 2.06 -10.59
CA ASN B 101 -28.23 2.86 -11.81
C ASN B 101 -27.58 2.04 -12.93
N SER B 102 -26.65 1.18 -12.57
CA SER B 102 -26.10 0.17 -13.56
C SER B 102 -27.21 -0.75 -14.16
N LEU B 103 -28.14 -1.19 -13.33
CA LEU B 103 -29.23 -2.06 -13.78
C LEU B 103 -30.18 -1.31 -14.68
N LYS B 104 -30.48 -0.06 -14.28
CA LYS B 104 -31.31 0.84 -15.15
C LYS B 104 -30.67 1.10 -16.56
N LYS B 105 -29.39 1.41 -16.58
CA LYS B 105 -28.64 1.64 -17.81
C LYS B 105 -28.71 0.44 -18.74
N ALA B 106 -28.42 -0.76 -18.22
CA ALA B 106 -28.32 -1.99 -18.99
C ALA B 106 -29.72 -2.56 -19.31
N GLN B 107 -30.73 -2.02 -18.61
CA GLN B 107 -32.09 -2.57 -18.57
C GLN B 107 -32.15 -4.05 -18.20
N LEU B 108 -31.41 -4.42 -17.16
CA LEU B 108 -31.43 -5.78 -16.69
C LEU B 108 -32.12 -5.75 -15.31
N ASP B 109 -32.64 -6.88 -14.90
CA ASP B 109 -33.25 -6.99 -13.59
C ASP B 109 -32.28 -7.27 -12.45
N TYR B 110 -31.12 -7.83 -12.80
CA TYR B 110 -30.14 -8.22 -11.75
C TYR B 110 -28.86 -8.39 -12.53
N VAL B 111 -27.73 -8.27 -11.84
CA VAL B 111 -26.45 -8.69 -12.42
C VAL B 111 -26.08 -10.05 -11.85
N ASP B 112 -25.32 -10.87 -12.61
CA ASP B 112 -24.91 -12.17 -12.07
C ASP B 112 -23.77 -11.93 -11.10
N LEU B 113 -23.02 -10.82 -11.25
CA LEU B 113 -21.86 -10.59 -10.35
C LEU B 113 -21.64 -9.12 -10.20
N TYR B 114 -21.48 -8.68 -8.96
CA TYR B 114 -21.16 -7.21 -8.68
C TYR B 114 -19.89 -7.24 -7.90
N LEU B 115 -18.89 -6.52 -8.39
CA LEU B 115 -17.56 -6.48 -7.77
C LEU B 115 -17.26 -5.09 -7.22
N ILE B 116 -16.53 -5.00 -6.09
CA ILE B 116 -15.80 -3.76 -5.78
C ILE B 116 -14.64 -3.59 -6.78
N HIS B 117 -14.65 -2.49 -7.59
CA HIS B 117 -13.75 -2.44 -8.75
C HIS B 117 -12.27 -2.33 -8.27
N SER B 118 -12.07 -1.61 -7.18
CA SER B 118 -10.68 -1.40 -6.63
C SER B 118 -10.81 -0.99 -5.17
N PRO B 119 -9.80 -1.27 -4.35
CA PRO B 119 -9.77 -0.81 -2.98
C PRO B 119 -9.57 0.70 -2.83
N MET B 120 -9.34 1.43 -3.91
CA MET B 120 -9.05 2.90 -3.83
C MET B 120 -10.39 3.55 -3.66
N SER B 121 -10.49 4.56 -2.78
CA SER B 121 -11.77 5.23 -2.53
C SER B 121 -11.57 6.69 -2.96
N LEU B 122 -12.51 7.18 -3.76
CA LEU B 122 -12.43 8.57 -4.27
C LEU B 122 -13.61 9.40 -3.76
N LYS B 123 -13.44 10.72 -3.81
CA LYS B 123 -14.49 11.64 -3.36
C LYS B 123 -15.80 11.36 -4.14
N PRO B 124 -16.95 11.29 -3.45
CA PRO B 124 -18.25 11.10 -4.10
C PRO B 124 -18.66 12.29 -4.95
N GLY B 125 -19.47 12.03 -5.98
CA GLY B 125 -19.90 13.06 -6.89
C GLY B 125 -20.02 12.58 -8.32
N LEU B 128 -15.90 10.82 -12.65
CA LEU B 128 -15.21 9.54 -12.44
C LEU B 128 -13.90 9.71 -11.65
N SER B 129 -13.08 10.74 -11.94
CA SER B 129 -11.85 11.04 -11.17
C SER B 129 -11.96 12.48 -10.73
N PRO B 130 -12.57 12.74 -9.56
CA PRO B 130 -12.69 14.14 -9.10
C PRO B 130 -11.30 14.69 -8.86
N THR B 131 -11.05 15.92 -9.32
CA THR B 131 -9.74 16.55 -9.16
C THR B 131 -9.95 17.92 -8.45
N ASP B 132 -8.94 18.45 -7.77
CA ASP B 132 -9.03 19.84 -7.22
C ASP B 132 -9.37 20.70 -8.41
N GLY B 135 -6.08 20.47 -10.66
CA GLY B 135 -4.90 19.67 -10.35
C GLY B 135 -5.20 18.19 -10.01
N LYS B 136 -5.08 17.87 -8.72
CA LYS B 136 -4.90 16.49 -8.24
C LYS B 136 -6.20 15.72 -7.90
N VAL B 137 -6.17 14.39 -8.03
CA VAL B 137 -7.30 13.52 -7.59
C VAL B 137 -7.66 13.77 -6.12
N ILE B 138 -8.94 13.70 -5.80
CA ILE B 138 -9.40 13.84 -4.43
C ILE B 138 -9.83 12.47 -3.88
N PHE B 139 -9.02 11.93 -2.95
CA PHE B 139 -9.34 10.65 -2.27
C PHE B 139 -10.38 10.79 -1.20
N ASP B 140 -10.96 9.65 -0.76
CA ASP B 140 -11.93 9.62 0.30
C ASP B 140 -11.45 8.47 1.16
N ILE B 141 -11.92 8.41 2.40
CA ILE B 141 -11.48 7.30 3.22
C ILE B 141 -12.69 6.54 3.67
N VAL B 142 -12.84 5.29 3.22
CA VAL B 142 -14.02 4.49 3.61
C VAL B 142 -13.44 3.14 3.97
N ASP B 143 -13.84 2.64 5.13
CA ASP B 143 -13.56 1.29 5.59
C ASP B 143 -14.27 0.34 4.61
N LEU B 144 -13.48 -0.45 3.91
CA LEU B 144 -14.07 -1.29 2.93
C LEU B 144 -14.90 -2.42 3.53
N CYS B 145 -14.74 -2.72 4.83
CA CYS B 145 -15.61 -3.70 5.43
C CYS B 145 -17.06 -3.18 5.38
N THR B 146 -17.24 -1.86 5.56
CA THR B 146 -18.56 -1.27 5.43
C THR B 146 -19.10 -1.27 4.03
N THR B 147 -18.24 -0.99 3.03
CA THR B 147 -18.63 -1.12 1.62
C THR B 147 -19.08 -2.58 1.42
N TRP B 148 -18.32 -3.58 1.93
CA TRP B 148 -18.69 -5.01 1.73
C TRP B 148 -20.06 -5.38 2.33
N GLU B 149 -20.34 -4.90 3.54
CA GLU B 149 -21.70 -5.00 4.08
C GLU B 149 -22.80 -4.47 3.22
N ALA B 150 -22.58 -3.34 2.52
CA ALA B 150 -23.59 -2.78 1.60
C ALA B 150 -23.71 -3.72 0.38
N MET B 151 -22.58 -4.29 -0.08
CA MET B 151 -22.58 -5.35 -1.14
C MET B 151 -23.35 -6.60 -0.73
N GLU B 152 -23.20 -7.05 0.52
CA GLU B 152 -23.96 -8.26 1.00
C GLU B 152 -25.47 -7.96 0.98
N LYS B 153 -25.84 -6.72 1.26
CA LYS B 153 -27.27 -6.43 1.19
C LYS B 153 -27.75 -6.42 -0.25
N CYS B 154 -26.86 -6.13 -1.21
CA CYS B 154 -27.30 -6.21 -2.62
C CYS B 154 -27.52 -7.66 -3.09
N LYS B 155 -26.73 -8.62 -2.57
CA LYS B 155 -26.91 -10.01 -2.85
C LYS B 155 -28.25 -10.40 -2.20
N ASP B 156 -28.48 -9.92 -0.97
CA ASP B 156 -29.72 -10.40 -0.33
C ASP B 156 -30.98 -9.82 -0.97
N ALA B 157 -30.82 -8.64 -1.57
CA ALA B 157 -31.86 -7.99 -2.37
C ALA B 157 -32.14 -8.72 -3.66
N GLY B 158 -31.29 -9.65 -4.07
CA GLY B 158 -31.40 -10.33 -5.33
C GLY B 158 -31.02 -9.47 -6.54
N LEU B 159 -30.49 -8.28 -6.30
CA LEU B 159 -30.01 -7.39 -7.40
C LEU B 159 -28.64 -7.86 -7.99
N ALA B 160 -27.83 -8.58 -7.17
CA ALA B 160 -26.61 -9.20 -7.66
C ALA B 160 -26.72 -10.69 -7.22
N LYS B 161 -26.65 -11.62 -8.12
CA LYS B 161 -26.68 -13.02 -7.72
C LYS B 161 -25.44 -13.38 -6.87
N SER B 162 -24.28 -12.84 -7.26
CA SER B 162 -23.07 -13.10 -6.49
C SER B 162 -22.27 -11.80 -6.34
N ILE B 163 -21.39 -11.74 -5.35
CA ILE B 163 -20.61 -10.52 -5.09
C ILE B 163 -19.14 -10.91 -4.92
N GLY B 164 -18.26 -10.01 -5.42
CA GLY B 164 -16.83 -10.30 -5.22
C GLY B 164 -16.01 -9.02 -5.33
N VAL B 165 -14.71 -9.17 -5.48
CA VAL B 165 -13.80 -8.00 -5.48
C VAL B 165 -12.88 -8.03 -6.67
N SER B 166 -12.11 -6.94 -6.83
CA SER B 166 -11.19 -6.83 -7.94
C SER B 166 -10.02 -6.02 -7.42
N ASN B 167 -8.81 -6.36 -7.90
CA ASN B 167 -7.58 -5.62 -7.54
C ASN B 167 -7.31 -5.67 -6.03
N PHE B 168 -7.75 -6.74 -5.36
CA PHE B 168 -7.36 -6.86 -3.98
C PHE B 168 -6.11 -7.74 -3.91
N ASN B 169 -5.25 -7.43 -2.93
CA ASN B 169 -4.16 -8.39 -2.63
C ASN B 169 -4.60 -9.34 -1.50
N ARG B 170 -3.71 -10.24 -1.06
CA ARG B 170 -4.08 -11.18 0.00
C ARG B 170 -4.52 -10.44 1.32
N ARG B 171 -3.77 -9.46 1.77
CA ARG B 171 -4.17 -8.69 3.02
C ARG B 171 -5.58 -8.09 2.90
N GLN B 172 -5.89 -7.51 1.74
CA GLN B 172 -7.20 -6.88 1.54
C GLN B 172 -8.30 -7.92 1.51
N LEU B 173 -8.05 -9.08 0.91
CA LEU B 173 -8.98 -10.21 0.94
C LEU B 173 -9.15 -10.67 2.39
N GLU B 174 -8.06 -10.72 3.15
CA GLU B 174 -8.13 -11.19 4.53
C GLU B 174 -8.97 -10.21 5.35
N MET B 175 -8.92 -8.95 5.01
CA MET B 175 -9.70 -7.96 5.85
C MET B 175 -11.20 -8.32 5.74
N ILE B 176 -11.62 -8.70 4.54
CA ILE B 176 -13.01 -9.08 4.29
C ILE B 176 -13.28 -10.45 4.88
N LEU B 177 -12.35 -11.38 4.66
CA LEU B 177 -12.65 -12.76 5.12
C LEU B 177 -12.70 -12.82 6.64
N ASN B 178 -11.93 -11.95 7.30
CA ASN B 178 -11.89 -11.97 8.76
C ASN B 178 -12.87 -11.04 9.43
N LYS B 179 -13.75 -10.42 8.66
CA LYS B 179 -14.60 -9.35 9.21
C LYS B 179 -15.57 -9.97 10.19
N PRO B 180 -15.74 -9.35 11.39
CA PRO B 180 -16.74 -9.94 12.29
C PRO B 180 -18.17 -9.90 11.69
N GLY B 181 -18.88 -11.01 11.78
CA GLY B 181 -20.25 -11.08 11.28
C GLY B 181 -20.33 -11.13 9.75
N LEU B 182 -19.24 -11.48 9.10
CA LEU B 182 -19.25 -11.66 7.66
C LEU B 182 -20.45 -12.51 7.27
N LYS B 183 -21.26 -12.09 6.29
CA LYS B 183 -22.29 -12.99 5.72
C LYS B 183 -21.91 -13.81 4.45
N TYR B 184 -21.25 -13.19 3.46
CA TYR B 184 -20.87 -13.88 2.23
C TYR B 184 -19.41 -13.58 1.96
N LYS B 185 -18.61 -14.60 1.71
CA LYS B 185 -17.27 -14.39 1.22
C LYS B 185 -17.35 -13.81 -0.24
N PRO B 186 -16.37 -12.98 -0.64
CA PRO B 186 -16.30 -12.73 -2.13
C PRO B 186 -16.25 -14.08 -2.88
N VAL B 187 -16.96 -14.17 -4.03
CA VAL B 187 -16.83 -15.34 -4.88
C VAL B 187 -15.52 -15.38 -5.71
N CYS B 188 -14.95 -14.20 -5.90
CA CYS B 188 -13.81 -14.10 -6.79
C CYS B 188 -13.01 -12.90 -6.46
N ASN B 189 -11.87 -12.84 -7.07
CA ASN B 189 -10.99 -11.68 -7.01
C ASN B 189 -10.50 -11.55 -8.48
N GLN B 190 -10.91 -10.48 -9.16
CA GLN B 190 -10.53 -10.26 -10.54
C GLN B 190 -9.24 -9.36 -10.58
N VAL B 191 -8.14 -9.92 -11.09
CA VAL B 191 -6.85 -9.25 -11.05
C VAL B 191 -6.08 -9.47 -12.33
N GLU B 192 -5.06 -8.63 -12.59
CA GLU B 192 -4.21 -8.79 -13.74
C GLU B 192 -3.52 -10.18 -13.65
N CYS B 193 -3.65 -10.98 -14.70
CA CYS B 193 -2.98 -12.31 -14.69
C CYS B 193 -2.70 -12.74 -16.09
N HIS B 194 -1.43 -13.03 -16.39
CA HIS B 194 -1.05 -13.50 -17.74
C HIS B 194 0.34 -14.12 -17.56
N PRO B 195 0.91 -14.69 -18.64
CA PRO B 195 2.17 -15.42 -18.37
C PRO B 195 3.33 -14.57 -17.86
N TYR B 196 3.33 -13.26 -18.11
CA TYR B 196 4.33 -12.37 -17.56
C TYR B 196 4.12 -11.96 -16.09
N PHE B 197 2.98 -12.28 -15.51
CA PHE B 197 2.67 -11.89 -14.12
C PHE B 197 1.56 -12.84 -13.73
N ASN B 198 1.96 -14.09 -13.43
CA ASN B 198 0.99 -15.23 -13.35
C ASN B 198 0.26 -15.40 -12.03
N ARG B 199 0.65 -14.63 -10.99
CA ARG B 199 -0.10 -14.53 -9.72
C ARG B 199 -0.18 -15.90 -9.06
N SER B 200 0.83 -16.77 -9.31
CA SER B 200 0.77 -18.10 -8.71
C SER B 200 0.55 -18.09 -7.16
N LYS B 201 1.21 -17.21 -6.46
CA LYS B 201 1.06 -17.13 -4.99
C LYS B 201 -0.37 -16.72 -4.53
N LEU B 202 -0.88 -15.64 -5.13
CA LEU B 202 -2.24 -15.20 -4.85
C LEU B 202 -3.30 -16.26 -5.33
N LEU B 203 -3.02 -16.98 -6.41
CA LEU B 203 -3.91 -18.03 -6.92
C LEU B 203 -4.00 -19.12 -5.85
N ASP B 204 -2.85 -19.49 -5.30
CA ASP B 204 -2.85 -20.57 -4.25
C ASP B 204 -3.68 -20.17 -3.01
N PHE B 205 -3.51 -18.92 -2.58
CA PHE B 205 -4.30 -18.35 -1.53
C PHE B 205 -5.77 -18.38 -1.85
N CYS B 206 -6.13 -17.84 -3.00
CA CYS B 206 -7.56 -17.85 -3.36
C CYS B 206 -8.15 -19.26 -3.39
N LYS B 207 -7.47 -20.22 -3.98
CA LYS B 207 -7.99 -21.61 -3.99
C LYS B 207 -8.15 -22.13 -2.56
N SER B 208 -7.23 -21.76 -1.68
CA SER B 208 -7.25 -22.23 -0.28
C SER B 208 -8.50 -21.73 0.45
N LYS B 209 -9.06 -20.62 -0.01
CA LYS B 209 -10.31 -20.00 0.53
C LYS B 209 -11.54 -20.14 -0.33
N ASP B 210 -11.46 -20.93 -1.41
CA ASP B 210 -12.54 -21.24 -2.36
C ASP B 210 -13.01 -19.91 -3.00
N ILE B 211 -12.02 -19.08 -3.31
CA ILE B 211 -12.28 -17.82 -4.04
C ILE B 211 -11.70 -18.05 -5.45
N VAL B 212 -12.49 -17.72 -6.45
CA VAL B 212 -12.03 -17.90 -7.89
C VAL B 212 -11.15 -16.72 -8.32
N LEU B 213 -9.99 -16.96 -8.89
CA LEU B 213 -9.16 -15.85 -9.44
C LEU B 213 -9.68 -15.65 -10.88
N VAL B 214 -10.07 -14.40 -11.25
CA VAL B 214 -10.46 -14.11 -12.63
C VAL B 214 -9.35 -13.23 -13.21
N ALA B 215 -8.86 -13.61 -14.38
CA ALA B 215 -7.67 -12.96 -14.95
C ALA B 215 -8.20 -11.86 -15.90
N TYR B 216 -7.77 -10.62 -15.65
CA TYR B 216 -7.81 -9.59 -16.63
C TYR B 216 -6.47 -9.31 -17.29
N SER B 217 -6.58 -8.63 -18.42
CA SER B 217 -5.43 -8.41 -19.31
C SER B 217 -4.63 -9.69 -19.59
N ALA B 218 -5.37 -10.81 -19.70
CA ALA B 218 -4.76 -12.14 -19.91
C ALA B 218 -4.10 -12.27 -21.26
N LEU B 219 -4.44 -11.32 -22.16
CA LEU B 219 -3.77 -11.30 -23.51
C LEU B 219 -2.68 -10.23 -23.61
N GLY B 220 -2.29 -9.70 -22.47
CA GLY B 220 -1.25 -8.71 -22.34
C GLY B 220 -1.66 -7.25 -22.45
N SER B 221 -2.95 -7.03 -22.34
CA SER B 221 -3.52 -5.68 -22.21
C SER B 221 -3.73 -5.05 -23.62
N GLN B 222 -4.53 -3.99 -23.66
CA GLN B 222 -4.69 -3.22 -24.89
C GLN B 222 -3.48 -2.31 -25.11
N ARG B 223 -2.52 -2.30 -24.17
CA ARG B 223 -1.28 -1.44 -24.36
C ARG B 223 -1.66 0.06 -24.65
N ASP B 224 -2.64 0.57 -23.95
CA ASP B 224 -3.00 2.00 -24.01
C ASP B 224 -1.86 2.83 -23.50
N LYS B 225 -1.52 3.89 -24.24
CA LYS B 225 -0.39 4.70 -23.82
C LYS B 225 -0.67 5.32 -22.49
N ARG B 226 -1.93 5.38 -22.08
CA ARG B 226 -2.16 5.96 -20.79
C ARG B 226 -1.59 5.11 -19.63
N TRP B 227 -1.45 3.83 -19.87
CA TRP B 227 -0.99 2.91 -18.80
C TRP B 227 0.27 2.07 -19.11
N VAL B 228 0.57 1.82 -20.40
CA VAL B 228 1.60 0.84 -20.82
C VAL B 228 2.76 1.54 -21.58
N ASP B 229 4.00 1.28 -21.13
CA ASP B 229 5.22 1.78 -21.81
C ASP B 229 5.35 1.04 -23.11
N PRO B 230 5.51 1.77 -24.24
CA PRO B 230 5.56 1.20 -25.57
C PRO B 230 6.74 0.22 -25.73
N ASN B 231 7.79 0.41 -24.93
CA ASN B 231 8.94 -0.53 -24.86
C ASN B 231 8.74 -1.77 -23.99
N SER B 232 7.64 -1.82 -23.25
CA SER B 232 7.36 -3.07 -22.46
C SER B 232 7.20 -4.21 -23.48
N PRO B 233 7.69 -5.43 -23.14
CA PRO B 233 7.49 -6.62 -24.02
C PRO B 233 6.00 -6.83 -24.40
N VAL B 234 5.73 -7.31 -25.60
CA VAL B 234 4.37 -7.48 -26.11
C VAL B 234 4.08 -8.95 -25.81
N LEU B 235 3.11 -9.24 -24.97
CA LEU B 235 2.97 -10.63 -24.51
C LEU B 235 2.79 -11.58 -25.66
N LEU B 236 1.91 -11.21 -26.61
CA LEU B 236 1.56 -12.05 -27.72
C LEU B 236 2.71 -12.29 -28.76
N GLU B 237 3.82 -11.60 -28.58
CA GLU B 237 5.02 -11.90 -29.37
C GLU B 237 6.03 -12.81 -28.67
N ASP B 238 5.72 -13.22 -27.44
CA ASP B 238 6.64 -14.02 -26.67
C ASP B 238 7.09 -15.27 -27.42
N PRO B 239 8.39 -15.57 -27.40
CA PRO B 239 8.77 -16.73 -28.26
C PRO B 239 8.31 -18.10 -27.73
N VAL B 240 8.08 -18.24 -26.42
CA VAL B 240 7.51 -19.50 -25.92
C VAL B 240 6.05 -19.62 -26.34
N LEU B 241 5.29 -18.54 -26.14
CA LEU B 241 3.87 -18.60 -26.53
C LEU B 241 3.72 -18.86 -28.01
N CYS B 242 4.51 -18.16 -28.81
CA CYS B 242 4.57 -18.38 -30.27
C CYS B 242 5.05 -19.76 -30.67
N ALA B 243 6.02 -20.33 -29.96
CA ALA B 243 6.47 -21.69 -30.31
C ALA B 243 5.33 -22.67 -30.04
N LEU B 244 4.61 -22.44 -28.92
CA LEU B 244 3.50 -23.36 -28.60
C LEU B 244 2.31 -23.24 -29.56
N ALA B 245 2.04 -22.02 -29.99
CA ALA B 245 1.01 -21.73 -30.97
C ALA B 245 1.34 -22.48 -32.24
N LYS B 246 2.59 -22.52 -32.67
CA LYS B 246 2.88 -23.30 -33.91
C LYS B 246 2.72 -24.81 -33.68
N LYS B 247 3.22 -25.28 -32.54
CA LYS B 247 3.17 -26.70 -32.18
C LYS B 247 1.75 -27.19 -32.18
N HIS B 248 0.80 -26.38 -31.68
CA HIS B 248 -0.62 -26.86 -31.62
C HIS B 248 -1.48 -26.34 -32.76
N LYS B 249 -0.88 -25.63 -33.71
CA LYS B 249 -1.60 -25.00 -34.85
C LYS B 249 -2.79 -24.17 -34.26
N ARG B 250 -2.43 -23.33 -33.29
CA ARG B 250 -3.36 -22.35 -32.72
C ARG B 250 -2.64 -20.97 -32.82
N THR B 251 -2.93 -19.98 -31.94
CA THR B 251 -2.31 -18.66 -32.03
C THR B 251 -1.81 -18.40 -30.61
N PRO B 252 -0.91 -17.43 -30.44
CA PRO B 252 -0.36 -17.14 -29.14
C PRO B 252 -1.51 -16.69 -28.16
N ALA B 253 -2.55 -15.98 -28.65
CA ALA B 253 -3.68 -15.60 -27.73
C ALA B 253 -4.35 -16.86 -27.23
N LEU B 254 -4.51 -17.87 -28.06
CA LEU B 254 -5.29 -19.01 -27.63
C LEU B 254 -4.41 -19.79 -26.66
N ILE B 255 -3.09 -19.80 -26.85
CA ILE B 255 -2.20 -20.46 -25.82
C ILE B 255 -2.33 -19.74 -24.48
N ALA B 256 -2.35 -18.39 -24.51
CA ALA B 256 -2.44 -17.61 -23.26
C ALA B 256 -3.77 -17.90 -22.48
N LEU B 257 -4.87 -18.08 -23.24
CA LEU B 257 -6.16 -18.31 -22.61
C LEU B 257 -6.23 -19.75 -22.05
N ARG B 258 -5.74 -20.70 -22.83
CA ARG B 258 -5.79 -22.15 -22.44
C ARG B 258 -4.92 -22.34 -21.18
N TYR B 259 -3.77 -21.66 -21.11
CA TYR B 259 -2.94 -21.65 -19.89
C TYR B 259 -3.75 -21.39 -18.61
N GLN B 260 -4.56 -20.33 -18.64
CA GLN B 260 -5.42 -19.94 -17.54
C GLN B 260 -6.43 -21.03 -17.19
N LEU B 261 -7.18 -21.55 -18.21
CA LEU B 261 -8.21 -22.56 -17.94
C LEU B 261 -7.56 -23.78 -17.26
N GLN B 262 -6.37 -24.19 -17.74
CA GLN B 262 -5.76 -25.45 -17.17
C GLN B 262 -5.24 -25.26 -15.76
N ARG B 263 -5.05 -24.03 -15.27
CA ARG B 263 -4.57 -23.79 -13.92
C ARG B 263 -5.73 -23.39 -12.98
N GLY B 264 -6.98 -23.50 -13.51
CA GLY B 264 -8.21 -23.23 -12.80
C GLY B 264 -8.51 -21.76 -12.53
N VAL B 265 -7.99 -20.90 -13.42
CA VAL B 265 -8.29 -19.47 -13.42
C VAL B 265 -9.43 -19.27 -14.45
N VAL B 266 -10.38 -18.39 -14.15
CA VAL B 266 -11.42 -18.07 -15.12
C VAL B 266 -10.80 -16.84 -15.90
N VAL B 267 -10.93 -16.79 -17.23
CA VAL B 267 -10.13 -15.88 -18.02
C VAL B 267 -11.05 -15.02 -18.83
N LEU B 268 -10.76 -13.74 -18.78
CA LEU B 268 -11.41 -12.76 -19.67
C LEU B 268 -10.60 -12.59 -20.97
N ALA B 269 -11.31 -12.26 -22.03
CA ALA B 269 -10.63 -11.90 -23.25
C ALA B 269 -11.42 -10.75 -23.93
N LYS B 270 -10.74 -9.60 -24.11
CA LYS B 270 -11.36 -8.47 -24.87
C LYS B 270 -11.00 -8.61 -26.38
N SER B 271 -12.00 -8.45 -27.23
CA SER B 271 -11.67 -8.23 -28.65
C SER B 271 -12.82 -7.47 -29.25
N TYR B 272 -12.45 -6.46 -30.05
CA TYR B 272 -13.44 -5.72 -30.84
C TYR B 272 -13.39 -6.09 -32.32
N ASN B 273 -12.73 -7.19 -32.64
CA ASN B 273 -12.54 -7.66 -34.02
C ASN B 273 -13.34 -8.90 -34.24
N GLU B 274 -14.14 -8.93 -35.32
CA GLU B 274 -15.06 -10.07 -35.52
C GLU B 274 -14.33 -11.41 -35.58
N GLN B 275 -13.20 -11.44 -36.27
CA GLN B 275 -12.46 -12.72 -36.50
C GLN B 275 -11.83 -13.21 -35.19
N ARG B 276 -11.25 -12.31 -34.42
CA ARG B 276 -10.57 -12.72 -33.18
C ARG B 276 -11.60 -13.06 -32.06
N ILE B 277 -12.73 -12.32 -31.99
CA ILE B 277 -13.85 -12.74 -31.10
C ILE B 277 -14.18 -14.23 -31.38
N ARG B 278 -14.37 -14.60 -32.66
CA ARG B 278 -14.66 -16.02 -32.98
C ARG B 278 -13.52 -16.95 -32.75
N GLN B 279 -12.28 -16.49 -32.97
CA GLN B 279 -11.13 -17.36 -32.72
C GLN B 279 -11.02 -17.71 -31.23
N ASN B 280 -11.38 -16.73 -30.37
CA ASN B 280 -11.17 -16.93 -28.92
C ASN B 280 -11.91 -18.11 -28.32
N VAL B 281 -13.10 -18.40 -28.84
CA VAL B 281 -13.87 -19.54 -28.29
C VAL B 281 -13.22 -20.90 -28.58
N GLN B 282 -12.21 -20.90 -29.48
CA GLN B 282 -11.48 -22.13 -29.82
C GLN B 282 -10.62 -22.62 -28.65
N VAL B 283 -10.48 -21.84 -27.58
CA VAL B 283 -9.80 -22.31 -26.37
C VAL B 283 -10.35 -23.65 -25.83
N PHE B 284 -11.60 -23.97 -26.09
CA PHE B 284 -12.17 -25.24 -25.61
C PHE B 284 -11.82 -26.42 -26.50
N GLU B 285 -11.15 -26.16 -27.61
CA GLU B 285 -10.93 -27.25 -28.62
C GLU B 285 -9.62 -27.97 -28.54
N PHE B 286 -8.71 -27.54 -27.66
CA PHE B 286 -7.36 -28.13 -27.65
C PHE B 286 -6.85 -28.07 -26.22
N GLN B 287 -5.78 -28.80 -25.95
CA GLN B 287 -5.16 -28.68 -24.63
C GLN B 287 -3.65 -28.60 -24.66
N LEU B 288 -3.09 -28.12 -23.58
CA LEU B 288 -1.65 -27.91 -23.47
C LEU B 288 -1.16 -29.11 -22.66
N THR B 289 0.03 -29.62 -22.96
CA THR B 289 0.58 -30.66 -22.10
C THR B 289 1.07 -30.15 -20.75
N ALA B 290 1.30 -31.07 -19.82
CA ALA B 290 2.00 -30.71 -18.58
C ALA B 290 3.34 -30.03 -18.88
N GLU B 291 4.10 -30.56 -19.85
CA GLU B 291 5.37 -29.86 -20.20
C GLU B 291 5.15 -28.41 -20.71
N ASP B 292 4.18 -28.22 -21.60
CA ASP B 292 3.79 -26.85 -22.09
C ASP B 292 3.47 -25.89 -20.91
N MET B 293 2.73 -26.39 -19.94
CA MET B 293 2.35 -25.55 -18.84
C MET B 293 3.53 -25.13 -17.97
N LYS B 294 4.52 -26.02 -17.80
CA LYS B 294 5.72 -25.65 -17.09
C LYS B 294 6.53 -24.58 -17.84
N ALA B 295 6.62 -24.71 -19.18
CA ALA B 295 7.27 -23.70 -20.03
C ALA B 295 6.63 -22.30 -19.83
N ILE B 296 5.30 -22.27 -19.88
CA ILE B 296 4.60 -21.00 -19.73
C ILE B 296 4.80 -20.42 -18.30
N ASP B 297 4.71 -21.27 -17.26
CA ASP B 297 5.06 -20.84 -15.87
C ASP B 297 6.41 -20.12 -15.76
N GLY B 298 7.40 -20.61 -16.51
CA GLY B 298 8.73 -19.99 -16.59
C GLY B 298 8.80 -18.57 -17.17
N LEU B 299 7.72 -18.06 -17.80
CA LEU B 299 7.69 -16.72 -18.36
C LEU B 299 7.47 -15.60 -17.33
N ASP B 300 7.03 -15.98 -16.11
CA ASP B 300 6.63 -15.02 -15.10
C ASP B 300 7.77 -14.03 -14.88
N ARG B 301 7.51 -12.75 -15.09
CA ARG B 301 8.55 -11.76 -14.85
C ARG B 301 8.03 -10.56 -14.10
N ASN B 302 6.92 -10.72 -13.37
CA ASN B 302 6.42 -9.63 -12.55
C ASN B 302 6.15 -8.34 -13.33
N LEU B 303 5.59 -8.48 -14.52
CA LEU B 303 5.37 -7.32 -15.41
C LEU B 303 3.90 -6.92 -15.32
N HIS B 304 3.64 -5.72 -14.80
CA HIS B 304 2.28 -5.18 -14.60
C HIS B 304 1.98 -4.26 -15.79
N TYR B 305 1.11 -4.69 -16.70
CA TYR B 305 0.61 -3.75 -17.75
C TYR B 305 -0.28 -2.62 -17.25
N PHE B 306 -1.03 -2.85 -16.17
CA PHE B 306 -1.83 -1.78 -15.61
C PHE B 306 -1.36 -1.56 -14.16
N ASN B 307 -1.06 -0.32 -13.79
CA ASN B 307 -0.81 0.04 -12.38
C ASN B 307 -1.82 1.07 -11.89
N SER B 308 -2.55 0.70 -10.84
CA SER B 308 -3.57 1.58 -10.27
C SER B 308 -3.03 3.00 -9.91
N ASP B 309 -1.72 3.09 -9.65
CA ASP B 309 -1.06 4.38 -9.41
C ASP B 309 -0.99 5.29 -10.61
N SER B 310 -0.99 4.70 -11.80
CA SER B 310 -0.92 5.49 -13.04
C SER B 310 -2.21 6.22 -13.14
N PHE B 311 -3.29 5.52 -12.82
CA PHE B 311 -4.62 6.08 -12.89
C PHE B 311 -4.76 7.27 -11.92
#